data_6Q75
#
_entry.id   6Q75
#
_cell.length_a   47.524
_cell.length_b   49.342
_cell.length_c   71.711
_cell.angle_alpha   78.00
_cell.angle_beta   89.83
_cell.angle_gamma   69.64
#
_symmetry.space_group_name_H-M   'P 1'
#
loop_
_entity.id
_entity.type
_entity.pdbx_description
1 polymer GH26A
2 non-polymer 2-AMINO-2-HYDROXYMETHYL-PROPANE-1,3-DIOL
3 non-polymer GLYCEROL
4 water water
#
_entity_poly.entity_id   1
_entity_poly.type   'polypeptide(L)'
_entity_poly.pdbx_seq_one_letter_code
;MGSSHHHHHHSSGLVPRGSHMGPVNGNATEEVKVLLDYIHSLDGKILAGQHSYNENPSSFYNKAKEISGKAPAVWGTDFY
WNGKDNPGERIVKEAIDKYHEGAIVTLMWHVGQPKHDPPFSWRESVQGEISKKEWDDMLTPGTELFQRWTQQVDQVAVHL
KKLQEAKVPILWRPYHEMNGVWFWWGNKKGKDGFVKLWKQLYDRLVNHHRLNNLIWVWNANGPRDIPGDQAYDYKDFYPG
HKYVDILATDVYHGDYEQKDYDQLVKLAKGKPIALGEVGQLPRPLVLEAQPKWSWFMVWSNWIETANSPERVKEVYGYDK
TITKDEIQFTNER
;
_entity_poly.pdbx_strand_id   A,B
#
# COMPACT_ATOMS: atom_id res chain seq x y z
N VAL A 24 28.64 0.45 -17.12
CA VAL A 24 29.01 1.84 -17.36
C VAL A 24 30.48 2.07 -17.05
N ASN A 25 31.10 1.11 -16.37
CA ASN A 25 32.51 1.19 -15.98
C ASN A 25 33.35 0.43 -17.01
N GLY A 26 34.13 1.17 -17.82
CA GLY A 26 34.95 0.56 -18.84
C GLY A 26 35.98 -0.41 -18.29
N ASN A 27 36.35 -0.27 -17.02
CA ASN A 27 37.31 -1.16 -16.39
C ASN A 27 36.66 -2.26 -15.55
N ALA A 28 35.36 -2.54 -15.78
CA ALA A 28 34.65 -3.52 -14.99
C ALA A 28 35.38 -4.86 -14.94
N THR A 29 35.36 -5.50 -13.77
CA THR A 29 35.98 -6.81 -13.65
C THR A 29 35.19 -7.86 -14.42
N GLU A 30 35.82 -9.02 -14.66
CA GLU A 30 35.16 -10.09 -15.39
C GLU A 30 33.89 -10.58 -14.69
N GLU A 31 33.90 -10.67 -13.35
CA GLU A 31 32.71 -11.15 -12.66
C GLU A 31 31.55 -10.18 -12.79
N VAL A 32 31.83 -8.87 -12.92
CA VAL A 32 30.75 -7.91 -13.17
C VAL A 32 30.19 -8.10 -14.57
N LYS A 33 31.08 -8.26 -15.56
CA LYS A 33 30.60 -8.43 -16.92
C LYS A 33 29.79 -9.71 -17.07
N VAL A 34 30.23 -10.78 -16.39
CA VAL A 34 29.49 -12.04 -16.43
C VAL A 34 28.12 -11.88 -15.77
N LEU A 35 28.06 -11.23 -14.61
CA LEU A 35 26.79 -11.05 -13.93
C LEU A 35 25.85 -10.13 -14.70
N LEU A 36 26.39 -9.04 -15.25
CA LEU A 36 25.53 -8.15 -16.03
C LEU A 36 25.01 -8.83 -17.29
N ASP A 37 25.84 -9.64 -17.96
CA ASP A 37 25.35 -10.40 -19.11
C ASP A 37 24.26 -11.35 -18.69
N TYR A 38 24.43 -11.98 -17.53
CA TYR A 38 23.40 -12.88 -17.04
C TYR A 38 22.10 -12.14 -16.76
N ILE A 39 22.18 -10.98 -16.12
CA ILE A 39 20.96 -10.21 -15.82
C ILE A 39 20.30 -9.74 -17.11
N HIS A 40 21.10 -9.32 -18.10
CA HIS A 40 20.53 -8.93 -19.38
C HIS A 40 19.86 -10.09 -20.10
N SER A 41 20.23 -11.32 -19.78
CA SER A 41 19.69 -12.48 -20.48
C SER A 41 18.42 -13.05 -19.84
N LEU A 42 17.95 -12.46 -18.73
CA LEU A 42 16.88 -13.11 -17.97
C LEU A 42 15.59 -13.19 -18.78
N ASP A 43 15.28 -12.14 -19.55
CA ASP A 43 14.19 -12.13 -20.53
C ASP A 43 12.94 -12.84 -20.01
N GLY A 44 12.37 -12.28 -18.94
CA GLY A 44 11.14 -12.79 -18.37
C GLY A 44 11.32 -13.54 -17.07
N LYS A 45 12.53 -14.02 -16.79
CA LYS A 45 12.77 -14.72 -15.53
C LYS A 45 13.14 -13.69 -14.46
N ILE A 46 12.96 -14.07 -13.19
CA ILE A 46 13.21 -13.15 -12.08
C ILE A 46 13.96 -13.88 -10.97
N LEU A 47 15.01 -13.24 -10.45
CA LEU A 47 15.79 -13.82 -9.36
C LEU A 47 15.12 -13.57 -8.01
N ALA A 48 14.96 -14.63 -7.21
CA ALA A 48 14.43 -14.47 -5.86
C ALA A 48 15.50 -13.95 -4.91
N GLY A 49 15.16 -12.93 -4.12
CA GLY A 49 16.15 -12.30 -3.26
C GLY A 49 15.58 -12.00 -1.89
N GLN A 50 16.51 -11.82 -0.94
CA GLN A 50 16.11 -11.62 0.46
C GLN A 50 17.17 -10.78 1.16
N HIS A 51 16.72 -9.77 1.91
CA HIS A 51 17.55 -8.87 2.68
C HIS A 51 17.54 -9.28 4.15
N SER A 52 18.68 -9.08 4.84
CA SER A 52 18.78 -9.27 6.27
C SER A 52 19.51 -8.08 6.88
N TYR A 53 19.16 -7.73 8.12
CA TYR A 53 19.92 -6.71 8.83
C TYR A 53 21.35 -7.17 9.08
N ASN A 54 22.30 -6.22 9.06
CA ASN A 54 23.69 -6.64 9.13
C ASN A 54 24.09 -7.19 10.49
N GLU A 55 23.28 -7.01 11.54
CA GLU A 55 23.58 -7.63 12.83
C GLU A 55 23.63 -9.15 12.71
N ASN A 56 22.76 -9.73 11.90
CA ASN A 56 22.76 -11.16 11.61
C ASN A 56 22.50 -11.27 10.12
N PRO A 57 23.57 -11.16 9.31
CA PRO A 57 23.41 -10.80 7.89
C PRO A 57 22.85 -11.89 7.00
N SER A 58 22.58 -13.10 7.52
CA SER A 58 21.90 -14.13 6.76
C SER A 58 20.64 -14.64 7.45
N SER A 59 20.20 -14.00 8.55
CA SER A 59 19.14 -14.59 9.36
C SER A 59 17.84 -14.71 8.57
N PHE A 60 17.48 -13.69 7.80
CA PHE A 60 16.24 -13.77 7.05
C PHE A 60 16.41 -14.44 5.69
N TYR A 61 17.63 -14.43 5.14
CA TYR A 61 17.97 -15.31 4.03
C TYR A 61 17.71 -16.77 4.40
N ASN A 62 18.19 -17.18 5.57
CA ASN A 62 17.97 -18.54 6.04
C ASN A 62 16.50 -18.80 6.31
N LYS A 63 15.79 -17.80 6.83
CA LYS A 63 14.34 -17.97 7.06
C LYS A 63 13.59 -18.16 5.74
N ALA A 64 13.95 -17.39 4.71
CA ALA A 64 13.32 -17.57 3.41
C ALA A 64 13.54 -18.98 2.88
N LYS A 65 14.74 -19.52 3.07
CA LYS A 65 15.00 -20.89 2.65
C LYS A 65 14.15 -21.88 3.43
N GLU A 66 13.97 -21.64 4.75
CA GLU A 66 13.13 -22.54 5.54
C GLU A 66 11.68 -22.49 5.07
N ILE A 67 11.19 -21.30 4.72
CA ILE A 67 9.77 -21.18 4.36
C ILE A 67 9.54 -21.79 2.99
N SER A 68 10.40 -21.46 2.03
CA SER A 68 10.17 -21.83 0.64
C SER A 68 10.73 -23.19 0.27
N GLY A 69 11.68 -23.72 1.05
CA GLY A 69 12.41 -24.90 0.66
C GLY A 69 13.59 -24.64 -0.27
N LYS A 70 13.78 -23.39 -0.72
CA LYS A 70 14.87 -23.06 -1.63
C LYS A 70 15.61 -21.83 -1.14
N ALA A 71 16.95 -21.81 -1.34
CA ALA A 71 17.71 -20.61 -0.98
C ALA A 71 17.53 -19.51 -2.02
N PRO A 72 17.33 -18.27 -1.60
CA PRO A 72 17.23 -17.16 -2.56
C PRO A 72 18.49 -17.07 -3.42
N ALA A 73 18.28 -16.67 -4.68
CA ALA A 73 19.42 -16.41 -5.57
C ALA A 73 20.19 -15.17 -5.15
N VAL A 74 19.50 -14.16 -4.63
CA VAL A 74 20.12 -12.88 -4.29
C VAL A 74 20.12 -12.73 -2.77
N TRP A 75 21.29 -12.40 -2.24
CA TRP A 75 21.54 -12.21 -0.81
C TRP A 75 21.84 -10.72 -0.61
N GLY A 76 21.14 -10.08 0.31
CA GLY A 76 21.33 -8.66 0.55
C GLY A 76 21.52 -8.30 2.01
N THR A 77 22.41 -7.34 2.25
CA THR A 77 22.42 -6.67 3.56
C THR A 77 22.85 -5.23 3.33
N ASP A 78 23.27 -4.56 4.42
CA ASP A 78 23.27 -3.08 4.50
C ASP A 78 24.45 -2.66 5.36
N PHE A 79 25.18 -1.65 4.90
CA PHE A 79 26.34 -1.16 5.64
C PHE A 79 25.97 -0.26 6.82
N TYR A 80 24.68 -0.03 7.05
CA TYR A 80 24.20 0.84 8.11
C TYR A 80 24.96 0.66 9.42
N TRP A 81 25.69 1.69 9.83
CA TRP A 81 26.41 1.65 11.09
C TRP A 81 25.47 2.23 12.15
N ASN A 82 24.59 1.36 12.67
CA ASN A 82 23.61 1.81 13.65
C ASN A 82 23.95 1.41 15.07
N GLY A 83 24.94 0.53 15.26
CA GLY A 83 25.35 0.08 16.57
C GLY A 83 26.74 0.57 16.91
N LYS A 84 27.28 0.02 18.01
CA LYS A 84 28.57 0.49 18.49
C LYS A 84 29.65 0.31 17.44
N ASP A 85 29.73 -0.87 16.83
CA ASP A 85 30.85 -1.25 16.00
C ASP A 85 30.55 -1.08 14.51
N ASN A 86 31.59 -0.72 13.75
CA ASN A 86 31.55 -0.75 12.30
C ASN A 86 31.15 -2.15 11.81
N PRO A 87 30.05 -2.28 11.06
CA PRO A 87 29.59 -3.60 10.63
C PRO A 87 30.32 -4.16 9.41
N GLY A 88 31.27 -3.43 8.83
CA GLY A 88 31.79 -3.79 7.53
C GLY A 88 32.48 -5.15 7.49
N GLU A 89 33.33 -5.44 8.49
CA GLU A 89 34.06 -6.72 8.48
C GLU A 89 33.09 -7.90 8.55
N ARG A 90 32.06 -7.80 9.40
CA ARG A 90 31.08 -8.87 9.50
C ARG A 90 30.31 -9.06 8.19
N ILE A 91 29.96 -7.95 7.53
CA ILE A 91 29.27 -8.01 6.25
C ILE A 91 30.16 -8.65 5.20
N VAL A 92 31.43 -8.25 5.15
CA VAL A 92 32.31 -8.76 4.10
C VAL A 92 32.48 -10.26 4.25
N LYS A 93 32.65 -10.73 5.49
CA LYS A 93 32.87 -12.15 5.71
C LYS A 93 31.67 -12.97 5.27
N GLU A 94 30.48 -12.48 5.54
CA GLU A 94 29.32 -13.27 5.12
C GLU A 94 29.06 -13.10 3.62
N ALA A 95 29.35 -11.93 3.04
CA ALA A 95 29.18 -11.77 1.59
C ALA A 95 30.10 -12.71 0.83
N ILE A 96 31.36 -12.83 1.28
CA ILE A 96 32.27 -13.76 0.60
C ILE A 96 31.78 -15.19 0.74
N ASP A 97 31.35 -15.57 1.95
CA ASP A 97 30.79 -16.91 2.13
C ASP A 97 29.58 -17.14 1.23
N LYS A 98 28.65 -16.17 1.16
CA LYS A 98 27.46 -16.35 0.33
C LYS A 98 27.82 -16.44 -1.15
N TYR A 99 28.74 -15.59 -1.60
CA TYR A 99 29.23 -15.68 -2.97
C TYR A 99 29.86 -17.05 -3.22
N HIS A 100 30.65 -17.55 -2.27
CA HIS A 100 31.25 -18.87 -2.40
C HIS A 100 30.19 -19.97 -2.41
N GLU A 101 29.04 -19.71 -1.81
CA GLU A 101 27.92 -20.66 -1.86
C GLU A 101 27.12 -20.56 -3.15
N GLY A 102 27.39 -19.56 -3.99
CA GLY A 102 26.69 -19.42 -5.25
C GLY A 102 25.63 -18.35 -5.32
N ALA A 103 25.51 -17.51 -4.28
CA ALA A 103 24.52 -16.45 -4.26
C ALA A 103 25.04 -15.22 -5.00
N ILE A 104 24.10 -14.40 -5.45
CA ILE A 104 24.40 -13.09 -6.03
C ILE A 104 24.27 -12.06 -4.92
N VAL A 105 25.28 -11.18 -4.77
CA VAL A 105 25.37 -10.31 -3.59
C VAL A 105 24.88 -8.91 -3.93
N THR A 106 23.98 -8.37 -3.08
CA THR A 106 23.62 -6.96 -3.19
C THR A 106 23.84 -6.27 -1.85
N LEU A 107 24.35 -5.03 -1.90
CA LEU A 107 24.64 -4.26 -0.68
C LEU A 107 24.09 -2.84 -0.84
N MET A 108 23.52 -2.33 0.25
CA MET A 108 23.04 -0.96 0.35
C MET A 108 23.74 -0.27 1.51
N TRP A 109 23.31 0.96 1.81
CA TRP A 109 24.06 1.79 2.75
C TRP A 109 23.20 2.89 3.33
N HIS A 110 22.34 2.57 4.30
CA HIS A 110 21.81 3.64 5.14
C HIS A 110 22.99 4.31 5.86
N VAL A 111 22.95 5.63 5.89
CA VAL A 111 24.03 6.42 6.48
C VAL A 111 23.45 7.73 6.99
N GLY A 112 24.02 8.23 8.09
CA GLY A 112 23.65 9.54 8.60
C GLY A 112 24.29 10.65 7.77
N GLN A 113 24.17 11.87 8.26
CA GLN A 113 24.62 13.04 7.53
C GLN A 113 26.11 13.27 7.71
N PRO A 114 26.76 13.95 6.76
CA PRO A 114 28.18 14.29 6.96
C PRO A 114 28.46 15.00 8.27
N LYS A 115 27.51 15.77 8.79
CA LYS A 115 27.73 16.51 10.01
C LYS A 115 27.69 15.64 11.26
N HIS A 116 27.38 14.34 11.13
CA HIS A 116 27.22 13.45 12.26
C HIS A 116 28.29 12.35 12.22
N ASP A 117 28.44 11.67 13.36
CA ASP A 117 29.34 10.52 13.46
C ASP A 117 28.53 9.26 13.78
N PRO A 118 29.01 8.09 13.39
CA PRO A 118 28.32 6.86 13.76
C PRO A 118 28.43 6.60 15.24
N PRO A 119 27.51 5.83 15.83
CA PRO A 119 26.34 5.24 15.14
C PRO A 119 25.30 6.28 14.77
N PHE A 120 24.74 6.14 13.57
CA PHE A 120 23.87 7.16 13.00
C PHE A 120 22.44 6.93 13.46
N SER A 121 21.87 7.91 14.17
CA SER A 121 20.47 7.81 14.60
C SER A 121 19.53 7.68 13.41
N TRP A 122 18.56 6.77 13.52
CA TRP A 122 17.59 6.63 12.44
C TRP A 122 16.77 7.91 12.29
N ARG A 123 16.16 8.38 13.39
CA ARG A 123 15.25 9.51 13.28
C ARG A 123 15.98 10.83 13.14
N GLU A 124 17.12 10.99 13.82
CA GLU A 124 17.78 12.29 13.88
C GLU A 124 18.86 12.47 12.82
N SER A 125 19.34 11.40 12.20
CA SER A 125 20.43 11.54 11.23
C SER A 125 20.01 11.02 9.86
N VAL A 126 19.74 9.73 9.74
CA VAL A 126 19.35 9.13 8.46
C VAL A 126 18.11 9.82 7.91
N GLN A 127 17.11 10.07 8.77
CA GLN A 127 15.90 10.79 8.41
C GLN A 127 15.86 12.20 8.99
N GLY A 128 17.04 12.77 9.33
CA GLY A 128 17.11 14.11 9.87
C GLY A 128 17.02 15.18 8.78
N GLU A 129 16.80 16.42 9.20
CA GLU A 129 16.76 17.54 8.28
C GLU A 129 18.17 17.98 7.90
N ILE A 130 18.33 18.46 6.66
CA ILE A 130 19.60 19.00 6.19
C ILE A 130 19.32 20.30 5.44
N SER A 131 20.13 21.32 5.70
CA SER A 131 19.86 22.59 5.03
C SER A 131 20.43 22.60 3.62
N LYS A 132 19.95 23.55 2.82
CA LYS A 132 20.50 23.73 1.48
C LYS A 132 22.00 24.01 1.53
N LYS A 133 22.44 24.85 2.47
CA LYS A 133 23.88 25.15 2.57
C LYS A 133 24.69 23.92 2.99
N GLU A 134 24.18 23.14 3.95
CA GLU A 134 24.89 21.93 4.36
C GLU A 134 24.98 20.94 3.21
N TRP A 135 23.90 20.81 2.44
CA TRP A 135 23.92 19.96 1.26
C TRP A 135 24.95 20.47 0.25
N ASP A 136 24.91 21.78 -0.03
CA ASP A 136 25.84 22.36 -1.00
C ASP A 136 27.28 22.17 -0.54
N ASP A 137 27.55 22.35 0.75
CA ASP A 137 28.92 22.22 1.27
C ASP A 137 29.44 20.80 1.13
N MET A 138 28.59 19.81 1.37
CA MET A 138 29.02 18.43 1.22
C MET A 138 29.41 18.12 -0.21
N LEU A 139 28.92 18.91 -1.17
CA LEU A 139 29.25 18.71 -2.57
C LEU A 139 30.30 19.69 -3.06
N THR A 140 30.99 20.35 -2.14
CA THR A 140 31.98 21.37 -2.47
C THR A 140 33.34 21.00 -1.89
N PRO A 141 34.28 20.50 -2.70
CA PRO A 141 35.62 20.23 -2.17
C PRO A 141 36.18 21.43 -1.40
N GLY A 142 36.86 21.13 -0.29
CA GLY A 142 37.45 22.13 0.56
C GLY A 142 36.69 22.44 1.83
N THR A 143 35.39 22.12 1.88
CA THR A 143 34.63 22.40 3.09
C THR A 143 34.80 21.30 4.13
N GLU A 144 34.42 21.62 5.36
CA GLU A 144 34.43 20.62 6.42
C GLU A 144 33.45 19.48 6.10
N LEU A 145 32.28 19.82 5.57
CA LEU A 145 31.33 18.74 5.33
C LEU A 145 31.75 17.84 4.16
N PHE A 146 32.39 18.40 3.14
CA PHE A 146 32.90 17.55 2.08
C PHE A 146 33.99 16.61 2.61
N GLN A 147 34.91 17.14 3.40
CA GLN A 147 35.95 16.31 4.00
C GLN A 147 35.34 15.20 4.87
N ARG A 148 34.37 15.57 5.69
CA ARG A 148 33.71 14.56 6.53
C ARG A 148 32.96 13.54 5.69
N TRP A 149 32.33 13.99 4.59
CA TRP A 149 31.67 13.04 3.71
C TRP A 149 32.68 12.07 3.10
N THR A 150 33.84 12.57 2.68
CA THR A 150 34.82 11.64 2.11
C THR A 150 35.23 10.57 3.13
N GLN A 151 35.35 10.95 4.41
CA GLN A 151 35.77 9.97 5.42
C GLN A 151 34.70 8.92 5.65
N GLN A 152 33.43 9.32 5.62
CA GLN A 152 32.35 8.35 5.78
C GLN A 152 32.28 7.40 4.59
N VAL A 153 32.49 7.93 3.38
CA VAL A 153 32.56 7.06 2.20
C VAL A 153 33.71 6.07 2.33
N ASP A 154 34.87 6.54 2.82
CA ASP A 154 36.03 5.67 2.89
C ASP A 154 35.84 4.53 3.89
N GLN A 155 35.00 4.73 4.91
CA GLN A 155 34.71 3.67 5.88
C GLN A 155 33.93 2.51 5.26
N VAL A 156 33.27 2.74 4.13
CA VAL A 156 32.64 1.65 3.39
C VAL A 156 33.53 1.16 2.26
N ALA A 157 34.23 2.08 1.60
CA ALA A 157 35.08 1.74 0.46
C ALA A 157 36.12 0.68 0.83
N VAL A 158 36.64 0.73 2.05
CA VAL A 158 37.66 -0.24 2.43
C VAL A 158 37.10 -1.66 2.38
N HIS A 159 35.82 -1.82 2.66
CA HIS A 159 35.21 -3.14 2.63
C HIS A 159 34.83 -3.54 1.21
N LEU A 160 34.37 -2.58 0.40
CA LEU A 160 34.16 -2.89 -1.02
C LEU A 160 35.46 -3.33 -1.69
N LYS A 161 36.59 -2.76 -1.24
CA LYS A 161 37.87 -3.13 -1.83
C LYS A 161 38.29 -4.52 -1.42
N LYS A 162 37.95 -4.93 -0.19
CA LYS A 162 38.20 -6.31 0.20
C LYS A 162 37.35 -7.27 -0.63
N LEU A 163 36.12 -6.87 -0.93
CA LEU A 163 35.26 -7.71 -1.77
C LEU A 163 35.80 -7.80 -3.21
N GLN A 164 36.38 -6.71 -3.72
CA GLN A 164 36.99 -6.78 -5.04
C GLN A 164 38.16 -7.76 -5.06
N GLU A 165 39.00 -7.73 -4.02
CA GLU A 165 40.13 -8.65 -3.93
C GLU A 165 39.67 -10.11 -3.86
N ALA A 166 38.49 -10.36 -3.30
CA ALA A 166 37.89 -11.70 -3.33
C ALA A 166 37.14 -11.98 -4.63
N LYS A 167 37.11 -11.02 -5.56
CA LYS A 167 36.47 -11.17 -6.87
C LYS A 167 34.96 -11.33 -6.76
N VAL A 168 34.34 -10.61 -5.83
CA VAL A 168 32.89 -10.62 -5.65
C VAL A 168 32.31 -9.40 -6.37
N PRO A 169 31.45 -9.59 -7.38
CA PRO A 169 30.73 -8.45 -7.96
C PRO A 169 29.58 -8.08 -7.05
N ILE A 170 29.27 -6.78 -6.97
CA ILE A 170 28.29 -6.29 -6.00
C ILE A 170 27.17 -5.54 -6.73
N LEU A 171 25.90 -5.94 -6.50
CA LEU A 171 24.81 -5.06 -6.89
C LEU A 171 24.73 -3.94 -5.86
N TRP A 172 25.33 -2.78 -6.17
CA TRP A 172 25.54 -1.69 -5.21
C TRP A 172 24.41 -0.67 -5.34
N ARG A 173 23.65 -0.44 -4.24
CA ARG A 173 22.46 0.41 -4.27
C ARG A 173 22.59 1.52 -3.24
N PRO A 174 23.41 2.54 -3.50
CA PRO A 174 23.57 3.65 -2.56
C PRO A 174 22.45 4.70 -2.66
N TYR A 175 22.22 5.38 -1.52
CA TYR A 175 21.34 6.55 -1.45
C TYR A 175 19.97 6.23 -2.07
N HIS A 176 19.42 5.12 -1.65
CA HIS A 176 18.19 4.57 -2.20
C HIS A 176 16.97 5.41 -1.79
N GLU A 177 15.87 5.21 -2.52
CA GLU A 177 14.61 5.93 -2.24
C GLU A 177 14.83 7.45 -2.26
N MET A 178 15.68 7.90 -3.19
CA MET A 178 16.08 9.30 -3.22
C MET A 178 14.98 10.22 -3.70
N ASN A 179 13.91 9.68 -4.31
CA ASN A 179 12.79 10.51 -4.71
C ASN A 179 11.82 10.72 -3.56
N GLY A 180 12.04 10.04 -2.43
CA GLY A 180 11.19 10.23 -1.27
C GLY A 180 11.64 11.43 -0.46
N VAL A 181 10.74 11.87 0.45
CA VAL A 181 11.04 13.02 1.30
C VAL A 181 11.62 12.61 2.65
N TRP A 182 11.79 11.32 2.93
CA TRP A 182 12.08 10.91 4.30
C TRP A 182 13.57 10.86 4.65
N PHE A 183 14.43 10.49 3.71
CA PHE A 183 15.86 10.45 4.01
C PHE A 183 16.50 11.81 3.79
N TRP A 184 17.65 12.05 4.46
CA TRP A 184 18.27 13.36 4.32
C TRP A 184 18.72 13.62 2.89
N TRP A 185 19.04 12.58 2.12
CA TRP A 185 19.44 12.74 0.73
C TRP A 185 18.24 12.77 -0.22
N GLY A 186 17.01 12.74 0.32
CA GLY A 186 15.82 12.64 -0.50
C GLY A 186 15.28 13.97 -0.96
N ASN A 187 14.54 13.91 -2.07
CA ASN A 187 13.88 15.08 -2.66
C ASN A 187 14.83 16.27 -2.84
N LYS A 188 16.01 16.01 -3.41
CA LYS A 188 16.98 17.06 -3.74
C LYS A 188 16.95 17.23 -5.25
N LYS A 189 16.15 18.19 -5.72
CA LYS A 189 15.97 18.33 -7.16
C LYS A 189 17.03 19.22 -7.80
N GLY A 190 17.12 19.13 -9.12
CA GLY A 190 17.94 20.05 -9.88
C GLY A 190 19.38 19.58 -10.06
N LYS A 191 20.11 20.34 -10.88
CA LYS A 191 21.47 19.93 -11.26
C LYS A 191 22.41 19.92 -10.06
N ASP A 192 22.14 20.72 -9.03
CA ASP A 192 22.95 20.70 -7.83
C ASP A 192 22.36 19.82 -6.74
N GLY A 193 21.34 19.02 -7.07
CA GLY A 193 20.76 18.14 -6.10
C GLY A 193 21.31 16.73 -6.13
N PHE A 194 20.40 15.76 -6.10
CA PHE A 194 20.80 14.37 -5.92
C PHE A 194 21.80 13.94 -6.98
N VAL A 195 21.60 14.35 -8.23
CA VAL A 195 22.44 13.79 -9.29
C VAL A 195 23.89 14.17 -9.06
N LYS A 196 24.14 15.29 -8.36
CA LYS A 196 25.52 15.68 -8.09
C LYS A 196 26.11 14.85 -6.96
N LEU A 197 25.30 14.48 -5.97
CA LEU A 197 25.75 13.53 -4.95
C LEU A 197 26.08 12.17 -5.58
N TRP A 198 25.20 11.67 -6.45
CA TRP A 198 25.45 10.39 -7.09
C TRP A 198 26.79 10.40 -7.84
N LYS A 199 27.03 11.45 -8.63
CA LYS A 199 28.25 11.50 -9.41
C LYS A 199 29.48 11.66 -8.54
N GLN A 200 29.36 12.38 -7.42
CA GLN A 200 30.49 12.53 -6.50
C GLN A 200 30.84 11.19 -5.84
N LEU A 201 29.81 10.43 -5.44
CA LEU A 201 30.09 9.10 -4.90
C LEU A 201 30.70 8.21 -5.97
N TYR A 202 30.17 8.30 -7.20
CA TYR A 202 30.68 7.48 -8.28
C TYR A 202 32.16 7.77 -8.50
N ASP A 203 32.49 9.06 -8.61
CA ASP A 203 33.89 9.44 -8.79
C ASP A 203 34.77 8.91 -7.65
N ARG A 204 34.31 9.02 -6.40
CA ARG A 204 35.18 8.59 -5.32
C ARG A 204 35.37 7.09 -5.34
N LEU A 205 34.31 6.32 -5.57
CA LEU A 205 34.46 4.88 -5.51
C LEU A 205 35.19 4.32 -6.73
N VAL A 206 34.79 4.76 -7.92
CA VAL A 206 35.36 4.17 -9.14
C VAL A 206 36.73 4.76 -9.45
N ASN A 207 36.87 6.07 -9.35
CA ASN A 207 38.13 6.66 -9.79
C ASN A 207 39.14 6.77 -8.65
N HIS A 208 38.72 7.22 -7.47
CA HIS A 208 39.70 7.34 -6.40
C HIS A 208 40.07 5.98 -5.85
N HIS A 209 39.07 5.15 -5.57
CA HIS A 209 39.31 3.85 -4.96
C HIS A 209 39.47 2.72 -5.97
N ARG A 210 39.29 3.00 -7.27
CA ARG A 210 39.49 2.00 -8.31
C ARG A 210 38.67 0.74 -8.03
N LEU A 211 37.44 0.97 -7.59
CA LEU A 211 36.49 -0.12 -7.38
C LEU A 211 35.80 -0.42 -8.71
N ASN A 212 36.19 -1.53 -9.31
CA ASN A 212 35.66 -1.96 -10.59
C ASN A 212 34.71 -3.13 -10.49
N ASN A 213 34.40 -3.60 -9.29
CA ASN A 213 33.53 -4.73 -9.08
C ASN A 213 32.10 -4.32 -8.75
N LEU A 214 31.75 -3.05 -8.90
CA LEU A 214 30.41 -2.59 -8.56
C LEU A 214 29.52 -2.51 -9.80
N ILE A 215 28.29 -3.00 -9.66
CA ILE A 215 27.21 -2.75 -10.60
C ILE A 215 26.34 -1.67 -9.97
N TRP A 216 26.16 -0.55 -10.65
CA TRP A 216 25.55 0.61 -10.02
C TRP A 216 24.04 0.55 -10.16
N VAL A 217 23.35 0.35 -9.04
CA VAL A 217 21.90 0.18 -9.04
C VAL A 217 21.32 1.47 -8.49
N TRP A 218 20.61 2.20 -9.35
CA TRP A 218 19.89 3.42 -8.97
C TRP A 218 18.51 2.97 -8.50
N ASN A 219 18.25 3.06 -7.19
CA ASN A 219 17.11 2.40 -6.54
C ASN A 219 16.20 3.48 -5.96
N ALA A 220 15.09 3.75 -6.64
CA ALA A 220 14.13 4.76 -6.21
C ALA A 220 13.00 4.12 -5.39
N ASN A 221 12.02 4.94 -5.03
CA ASN A 221 10.77 4.48 -4.42
C ASN A 221 9.63 4.63 -5.41
N GLY A 222 8.63 3.73 -5.34
CA GLY A 222 7.42 3.99 -6.07
C GLY A 222 6.86 5.36 -5.76
N PRO A 223 6.49 6.14 -6.78
CA PRO A 223 6.02 7.51 -6.53
C PRO A 223 4.67 7.55 -5.84
N ARG A 224 4.45 8.60 -5.05
CA ARG A 224 3.15 8.77 -4.38
C ARG A 224 3.02 10.21 -3.93
N ASP A 225 1.80 10.71 -3.81
CA ASP A 225 1.62 12.07 -3.33
C ASP A 225 0.80 12.04 -2.07
N ILE A 226 1.36 11.46 -1.03
CA ILE A 226 0.73 11.39 0.28
C ILE A 226 1.29 12.51 1.15
N PRO A 227 0.45 13.33 1.78
CA PRO A 227 0.98 14.40 2.66
C PRO A 227 1.99 13.88 3.68
N GLY A 228 3.11 14.60 3.79
CA GLY A 228 4.19 14.22 4.68
C GLY A 228 4.97 12.99 4.28
N ASP A 229 4.65 12.39 3.13
CA ASP A 229 5.20 11.10 2.78
C ASP A 229 5.32 10.93 1.26
N GLN A 230 5.63 12.02 0.55
CA GLN A 230 5.66 11.98 -0.92
C GLN A 230 6.93 11.33 -1.46
N ALA A 231 6.78 10.76 -2.64
CA ALA A 231 7.91 10.33 -3.45
C ALA A 231 7.65 10.79 -4.88
N TYR A 232 8.61 11.53 -5.42
CA TYR A 232 8.36 12.28 -6.64
C TYR A 232 8.79 11.47 -7.87
N ASP A 233 8.65 12.09 -9.04
CA ASP A 233 8.89 11.39 -10.30
C ASP A 233 10.31 10.86 -10.41
N TYR A 234 10.42 9.65 -10.96
CA TYR A 234 11.72 9.02 -11.14
C TYR A 234 12.72 9.92 -11.85
N LYS A 235 12.28 10.54 -12.96
CA LYS A 235 13.23 11.23 -13.83
C LYS A 235 13.87 12.43 -13.17
N ASP A 236 13.23 13.00 -12.14
CA ASP A 236 13.78 14.19 -11.47
C ASP A 236 15.03 13.92 -10.66
N PHE A 237 15.41 12.65 -10.50
CA PHE A 237 16.56 12.30 -9.67
C PHE A 237 17.52 11.35 -10.39
N TYR A 238 17.39 11.22 -11.71
CA TYR A 238 18.17 10.25 -12.47
C TYR A 238 19.44 10.91 -12.99
N PRO A 239 20.63 10.41 -12.66
CA PRO A 239 21.87 11.13 -12.99
C PRO A 239 22.36 10.92 -14.42
N GLY A 240 21.68 10.13 -15.21
CA GLY A 240 22.09 9.87 -16.58
C GLY A 240 22.61 8.46 -16.74
N HIS A 241 22.50 7.94 -17.97
CA HIS A 241 22.87 6.55 -18.23
C HIS A 241 24.35 6.28 -18.03
N LYS A 242 25.18 7.32 -18.10
CA LYS A 242 26.61 7.11 -17.93
C LYS A 242 26.97 6.62 -16.53
N TYR A 243 26.08 6.81 -15.55
CA TYR A 243 26.39 6.56 -14.15
C TYR A 243 25.55 5.46 -13.53
N VAL A 244 24.73 4.75 -14.33
CA VAL A 244 23.78 3.79 -13.77
C VAL A 244 23.80 2.53 -14.64
N ASP A 245 23.91 1.34 -14.00
CA ASP A 245 23.83 0.05 -14.70
C ASP A 245 22.41 -0.51 -14.70
N ILE A 246 21.73 -0.40 -13.57
CA ILE A 246 20.43 -1.05 -13.37
C ILE A 246 19.54 -0.05 -12.65
N LEU A 247 18.24 0.01 -13.02
CA LEU A 247 17.29 0.85 -12.30
C LEU A 247 16.37 -0.03 -11.46
N ALA A 248 16.08 0.44 -10.25
CA ALA A 248 15.29 -0.38 -9.36
C ALA A 248 14.31 0.50 -8.61
N THR A 249 13.29 -0.13 -8.06
CA THR A 249 12.35 0.61 -7.23
C THR A 249 11.88 -0.28 -6.09
N ASP A 250 11.38 0.36 -5.04
CA ASP A 250 10.90 -0.30 -3.82
C ASP A 250 9.39 -0.26 -3.82
N VAL A 251 8.77 -1.43 -3.67
CA VAL A 251 7.31 -1.59 -3.78
C VAL A 251 6.83 -2.34 -2.54
N TYR A 252 6.14 -1.64 -1.65
CA TYR A 252 5.53 -2.27 -0.50
C TYR A 252 4.02 -2.34 -0.71
N HIS A 253 3.37 -3.08 0.18
CA HIS A 253 1.91 -3.23 0.22
C HIS A 253 1.35 -3.83 -1.06
N GLY A 254 2.17 -4.55 -1.84
CA GLY A 254 1.74 -5.14 -3.09
C GLY A 254 1.38 -4.15 -4.18
N ASP A 255 1.87 -2.91 -4.08
CA ASP A 255 1.45 -1.83 -4.96
C ASP A 255 2.18 -1.86 -6.30
N TYR A 256 2.02 -2.98 -7.02
CA TYR A 256 2.73 -3.16 -8.30
C TYR A 256 1.92 -2.51 -9.43
N GLU A 257 1.84 -1.18 -9.37
CA GLU A 257 1.08 -0.42 -10.37
C GLU A 257 1.71 -0.56 -11.74
N GLN A 258 0.87 -0.80 -12.75
CA GLN A 258 1.38 -0.93 -14.12
C GLN A 258 1.98 0.38 -14.61
N LYS A 259 1.36 1.51 -14.27
CA LYS A 259 1.87 2.81 -14.69
C LYS A 259 3.26 3.07 -14.12
N ASP A 260 3.49 2.72 -12.84
CA ASP A 260 4.83 2.89 -12.26
C ASP A 260 5.86 2.02 -12.98
N TYR A 261 5.51 0.76 -13.26
CA TYR A 261 6.36 -0.08 -14.09
C TYR A 261 6.65 0.58 -15.43
N ASP A 262 5.61 1.11 -16.09
CA ASP A 262 5.83 1.78 -17.39
C ASP A 262 6.76 2.99 -17.25
N GLN A 263 6.63 3.76 -16.17
CA GLN A 263 7.50 4.91 -15.94
C GLN A 263 8.96 4.51 -15.81
N LEU A 264 9.24 3.42 -15.09
CA LEU A 264 10.62 3.04 -14.89
C LEU A 264 11.22 2.43 -16.14
N VAL A 265 10.44 1.61 -16.86
CA VAL A 265 10.92 1.04 -18.12
C VAL A 265 11.28 2.16 -19.09
N LYS A 266 10.46 3.21 -19.14
CA LYS A 266 10.73 4.33 -20.06
C LYS A 266 12.04 5.01 -19.71
N LEU A 267 12.26 5.27 -18.42
CA LEU A 267 13.49 5.93 -18.00
C LEU A 267 14.70 5.05 -18.25
N ALA A 268 14.55 3.74 -18.05
CA ALA A 268 15.69 2.83 -18.12
C ALA A 268 16.23 2.67 -19.52
N LYS A 269 15.41 2.84 -20.55
CA LYS A 269 15.84 2.82 -21.96
C LYS A 269 16.81 1.68 -22.26
N GLY A 270 16.36 0.47 -21.96
CA GLY A 270 17.13 -0.72 -22.26
C GLY A 270 17.99 -1.25 -21.12
N LYS A 271 18.25 -0.44 -20.09
CA LYS A 271 18.93 -0.97 -18.93
C LYS A 271 18.00 -1.89 -18.15
N PRO A 272 18.54 -2.89 -17.44
CA PRO A 272 17.67 -3.76 -16.64
C PRO A 272 16.98 -2.97 -15.53
N ILE A 273 15.80 -3.46 -15.14
CA ILE A 273 15.12 -2.92 -13.97
C ILE A 273 14.94 -4.05 -12.96
N ALA A 274 14.69 -3.66 -11.70
CA ALA A 274 14.55 -4.65 -10.65
C ALA A 274 13.67 -4.09 -9.54
N LEU A 275 13.13 -4.99 -8.73
CA LEU A 275 12.40 -4.63 -7.50
C LEU A 275 13.40 -4.63 -6.37
N GLY A 276 13.94 -3.44 -6.04
CA GLY A 276 15.03 -3.37 -5.11
C GLY A 276 14.67 -3.77 -3.69
N GLU A 277 13.43 -3.47 -3.27
CA GLU A 277 12.86 -3.95 -2.02
C GLU A 277 11.40 -4.22 -2.26
N VAL A 278 10.90 -5.29 -1.67
CA VAL A 278 9.46 -5.55 -1.65
C VAL A 278 9.06 -6.04 -0.28
N GLY A 279 7.77 -5.90 0.01
CA GLY A 279 7.22 -6.50 1.21
C GLY A 279 6.37 -7.69 0.77
N GLN A 280 5.11 -7.45 0.48
CA GLN A 280 4.28 -8.44 -0.19
C GLN A 280 4.92 -8.84 -1.52
N LEU A 281 5.05 -10.13 -1.74
CA LEU A 281 5.71 -10.63 -2.95
C LEU A 281 4.86 -10.33 -4.19
N PRO A 282 5.49 -10.21 -5.37
CA PRO A 282 4.71 -10.11 -6.62
C PRO A 282 4.11 -11.47 -6.98
N ARG A 283 2.79 -11.50 -7.13
CA ARG A 283 2.14 -12.73 -7.55
C ARG A 283 2.47 -13.04 -9.01
N PRO A 284 2.35 -14.31 -9.40
CA PRO A 284 2.57 -14.67 -10.83
C PRO A 284 1.84 -13.79 -11.83
N LEU A 285 0.58 -13.41 -11.56
CA LEU A 285 -0.14 -12.55 -12.51
C LEU A 285 0.57 -11.22 -12.69
N VAL A 286 1.08 -10.65 -11.60
CA VAL A 286 1.84 -9.40 -11.68
C VAL A 286 3.10 -9.62 -12.51
N LEU A 287 3.82 -10.71 -12.23
CA LEU A 287 5.05 -11.00 -12.98
C LEU A 287 4.76 -11.28 -14.45
N GLU A 288 3.62 -11.89 -14.77
CA GLU A 288 3.29 -12.10 -16.17
C GLU A 288 3.07 -10.76 -16.87
N ALA A 289 2.45 -9.82 -16.18
CA ALA A 289 2.18 -8.50 -16.75
C ALA A 289 3.41 -7.60 -16.72
N GLN A 290 4.37 -7.91 -15.85
CA GLN A 290 5.54 -7.06 -15.62
C GLN A 290 6.81 -7.89 -15.69
N PRO A 291 7.10 -8.46 -16.86
CA PRO A 291 8.17 -9.47 -16.95
C PRO A 291 9.57 -8.88 -16.87
N LYS A 292 9.71 -7.58 -17.01
CA LYS A 292 11.05 -7.00 -17.04
C LYS A 292 11.71 -6.94 -15.67
N TRP A 293 10.99 -7.13 -14.57
CA TRP A 293 11.66 -7.12 -13.26
C TRP A 293 12.70 -8.24 -13.21
N SER A 294 13.95 -7.88 -12.91
CA SER A 294 15.04 -8.84 -12.96
C SER A 294 15.27 -9.56 -11.66
N TRP A 295 14.95 -8.94 -10.53
CA TRP A 295 14.98 -9.61 -9.24
C TRP A 295 14.00 -8.89 -8.33
N PHE A 296 13.66 -9.56 -7.23
CA PHE A 296 12.98 -8.91 -6.12
C PHE A 296 13.80 -9.19 -4.87
N MET A 297 13.71 -8.32 -3.87
CA MET A 297 14.40 -8.54 -2.60
C MET A 297 13.44 -8.25 -1.46
N VAL A 298 12.97 -9.30 -0.77
CA VAL A 298 12.06 -9.10 0.36
C VAL A 298 12.81 -8.50 1.54
N TRP A 299 12.16 -7.57 2.23
CA TRP A 299 12.79 -6.84 3.32
C TRP A 299 12.71 -7.65 4.61
N SER A 300 13.82 -8.27 5.02
CA SER A 300 13.89 -8.96 6.30
C SER A 300 12.64 -9.74 6.68
N ASN A 301 12.01 -9.41 7.84
CA ASN A 301 10.94 -10.31 8.29
C ASN A 301 9.62 -10.06 7.57
N TRP A 302 9.58 -9.17 6.57
CA TRP A 302 8.39 -9.11 5.73
C TRP A 302 8.17 -10.43 5.00
N ILE A 303 9.20 -11.27 4.93
CA ILE A 303 9.04 -12.60 4.36
C ILE A 303 7.99 -13.40 5.12
N GLU A 304 7.78 -13.08 6.40
CA GLU A 304 6.78 -13.70 7.25
C GLU A 304 5.58 -12.81 7.53
N THR A 305 5.81 -11.50 7.75
CA THR A 305 4.69 -10.66 8.17
C THR A 305 3.85 -10.15 7.01
N ALA A 306 4.39 -10.12 5.79
CA ALA A 306 3.68 -9.59 4.64
C ALA A 306 3.35 -10.66 3.62
N ASN A 307 3.62 -11.93 3.93
CA ASN A 307 3.44 -13.01 2.98
C ASN A 307 3.04 -14.25 3.75
N SER A 308 1.95 -14.90 3.33
CA SER A 308 1.68 -16.21 3.89
C SER A 308 2.72 -17.19 3.38
N PRO A 309 2.97 -18.29 4.11
CA PRO A 309 3.88 -19.32 3.58
C PRO A 309 3.44 -19.84 2.22
N GLU A 310 2.13 -19.95 2.00
CA GLU A 310 1.63 -20.39 0.70
C GLU A 310 2.03 -19.43 -0.41
N ARG A 311 1.96 -18.11 -0.15
CA ARG A 311 2.36 -17.11 -1.12
C ARG A 311 3.86 -17.16 -1.41
N VAL A 312 4.68 -17.34 -0.37
CA VAL A 312 6.12 -17.47 -0.57
C VAL A 312 6.39 -18.66 -1.49
N LYS A 313 5.73 -19.79 -1.22
CA LYS A 313 5.95 -20.98 -2.02
C LYS A 313 5.40 -20.83 -3.44
N GLU A 314 4.27 -20.13 -3.60
CA GLU A 314 3.74 -19.86 -4.94
C GLU A 314 4.73 -19.06 -5.79
N VAL A 315 5.35 -18.05 -5.20
CA VAL A 315 6.25 -17.18 -5.93
C VAL A 315 7.59 -17.87 -6.14
N TYR A 316 8.15 -18.47 -5.09
CA TYR A 316 9.38 -19.22 -5.26
C TYR A 316 9.22 -20.39 -6.23
N GLY A 317 8.01 -20.98 -6.30
CA GLY A 317 7.78 -22.11 -7.18
C GLY A 317 7.35 -21.77 -8.60
N TYR A 318 7.11 -20.50 -8.88
CA TYR A 318 6.74 -20.04 -10.21
C TYR A 318 7.84 -20.37 -11.21
N ASP A 319 7.43 -20.80 -12.42
CA ASP A 319 8.40 -21.30 -13.39
C ASP A 319 9.43 -20.24 -13.77
N LYS A 320 9.10 -18.95 -13.71
CA LYS A 320 10.06 -17.93 -14.08
C LYS A 320 10.94 -17.46 -12.93
N THR A 321 10.71 -17.94 -11.71
CA THR A 321 11.51 -17.50 -10.57
C THR A 321 12.75 -18.37 -10.46
N ILE A 322 13.90 -17.73 -10.26
CA ILE A 322 15.18 -18.40 -10.18
C ILE A 322 15.66 -18.33 -8.74
N THR A 323 15.93 -19.50 -8.15
CA THR A 323 16.55 -19.57 -6.84
C THR A 323 18.03 -19.98 -6.99
N LYS A 324 18.75 -20.01 -5.87
CA LYS A 324 20.20 -20.12 -5.94
C LYS A 324 20.61 -21.36 -6.71
N ASP A 325 19.94 -22.49 -6.45
CA ASP A 325 20.27 -23.75 -7.09
C ASP A 325 20.06 -23.73 -8.60
N GLU A 326 19.39 -22.71 -9.13
CA GLU A 326 19.05 -22.63 -10.54
C GLU A 326 19.88 -21.63 -11.32
N ILE A 327 20.81 -20.91 -10.68
CA ILE A 327 21.60 -19.95 -11.40
C ILE A 327 22.57 -20.69 -12.30
N GLN A 328 22.55 -20.40 -13.59
CA GLN A 328 23.45 -21.04 -14.54
C GLN A 328 23.97 -19.97 -15.49
N PHE A 329 25.23 -19.59 -15.35
CA PHE A 329 25.85 -18.69 -16.31
C PHE A 329 26.07 -19.40 -17.64
N THR A 330 25.77 -18.72 -18.74
CA THR A 330 25.77 -19.39 -20.04
C THR A 330 27.14 -19.92 -20.41
N ASN A 331 28.21 -19.38 -19.83
CA ASN A 331 29.55 -19.86 -20.13
C ASN A 331 29.91 -21.15 -19.40
N GLU A 332 29.05 -21.64 -18.50
CA GLU A 332 29.33 -22.86 -17.76
C GLU A 332 28.56 -24.08 -18.29
N ARG A 333 27.67 -23.88 -19.25
CA ARG A 333 26.76 -24.94 -19.72
C ARG A 333 27.48 -26.20 -20.22
N VAL B 24 -31.35 13.02 -0.38
CA VAL B 24 -31.91 12.77 -1.71
C VAL B 24 -33.31 12.17 -1.57
N ASN B 25 -33.63 11.68 -0.36
CA ASN B 25 -34.95 11.13 -0.08
C ASN B 25 -35.79 12.25 0.51
N GLY B 26 -36.76 12.74 -0.28
CA GLY B 26 -37.58 13.85 0.17
C GLY B 26 -38.36 13.55 1.43
N ASN B 27 -38.61 12.28 1.72
CA ASN B 27 -39.32 11.88 2.92
C ASN B 27 -38.37 11.46 4.04
N ALA B 28 -37.10 11.89 3.99
CA ALA B 28 -36.13 11.51 5.00
C ALA B 28 -36.67 11.78 6.40
N THR B 29 -36.32 10.90 7.33
CA THR B 29 -36.77 11.08 8.70
C THR B 29 -36.07 12.27 9.36
N GLU B 30 -36.65 12.75 10.45
CA GLU B 30 -36.05 13.87 11.16
C GLU B 30 -34.64 13.52 11.62
N GLU B 31 -34.44 12.26 12.03
CA GLU B 31 -33.11 11.84 12.47
C GLU B 31 -32.10 11.85 11.34
N VAL B 32 -32.53 11.55 10.11
CA VAL B 32 -31.62 11.65 8.97
C VAL B 32 -31.25 13.09 8.69
N LYS B 33 -32.24 13.99 8.71
CA LYS B 33 -31.96 15.39 8.41
C LYS B 33 -31.00 15.99 9.42
N VAL B 34 -31.18 15.66 10.71
CA VAL B 34 -30.28 16.17 11.73
C VAL B 34 -28.86 15.64 11.52
N LEU B 35 -28.73 14.34 11.22
CA LEU B 35 -27.41 13.75 11.04
C LEU B 35 -26.74 14.30 9.79
N LEU B 36 -27.48 14.45 8.69
CA LEU B 36 -26.91 15.02 7.48
C LEU B 36 -26.50 16.47 7.69
N ASP B 37 -27.29 17.24 8.43
CA ASP B 37 -26.90 18.61 8.78
C ASP B 37 -25.62 18.61 9.59
N TYR B 38 -25.49 17.67 10.54
CA TYR B 38 -24.29 17.60 11.37
C TYR B 38 -23.07 17.29 10.51
N ILE B 39 -23.19 16.32 9.63
CA ILE B 39 -22.07 15.94 8.77
C ILE B 39 -21.68 17.09 7.86
N HIS B 40 -22.67 17.81 7.35
CA HIS B 40 -22.39 18.98 6.53
C HIS B 40 -21.67 20.08 7.32
N SER B 41 -21.81 20.11 8.64
CA SER B 41 -21.23 21.16 9.46
C SER B 41 -19.83 20.85 9.94
N LEU B 42 -19.29 19.67 9.64
CA LEU B 42 -18.04 19.23 10.26
C LEU B 42 -16.88 20.14 9.85
N ASP B 43 -16.86 20.62 8.60
CA ASP B 43 -15.92 21.64 8.13
C ASP B 43 -14.51 21.52 8.68
N GLY B 44 -13.80 20.45 8.34
CA GLY B 44 -12.43 20.29 8.73
C GLY B 44 -12.19 19.24 9.80
N LYS B 45 -13.21 18.89 10.58
CA LYS B 45 -13.13 17.83 11.57
C LYS B 45 -13.56 16.50 10.94
N ILE B 46 -13.21 15.40 11.61
CA ILE B 46 -13.47 14.06 11.11
C ILE B 46 -13.94 13.16 12.24
N LEU B 47 -14.99 12.37 11.97
CA LEU B 47 -15.49 11.43 12.97
C LEU B 47 -14.66 10.15 12.99
N ALA B 48 -14.24 9.71 14.17
CA ALA B 48 -13.52 8.45 14.31
C ALA B 48 -14.50 7.29 14.25
N GLY B 49 -14.20 6.26 13.44
CA GLY B 49 -15.10 5.14 13.28
C GLY B 49 -14.39 3.80 13.32
N GLN B 50 -15.17 2.75 13.58
CA GLN B 50 -14.60 1.43 13.76
C GLN B 50 -15.62 0.39 13.31
N HIS B 51 -15.18 -0.57 12.51
CA HIS B 51 -15.99 -1.67 11.99
C HIS B 51 -15.74 -2.93 12.80
N SER B 52 -16.79 -3.76 12.99
CA SER B 52 -16.65 -5.08 13.59
C SER B 52 -17.43 -6.07 12.72
N TYR B 53 -16.97 -7.31 12.68
CA TYR B 53 -17.72 -8.37 12.02
C TYR B 53 -19.04 -8.63 12.77
N ASN B 54 -20.08 -9.02 12.02
CA ASN B 54 -21.40 -9.13 12.65
C ASN B 54 -21.51 -10.28 13.63
N GLU B 55 -20.57 -11.22 13.63
CA GLU B 55 -20.59 -12.29 14.64
C GLU B 55 -20.47 -11.72 16.04
N ASN B 56 -19.65 -10.68 16.23
CA ASN B 56 -19.52 -9.99 17.51
C ASN B 56 -19.50 -8.51 17.16
N PRO B 57 -20.68 -7.91 16.97
CA PRO B 57 -20.75 -6.67 16.19
C PRO B 57 -20.19 -5.44 16.89
N SER B 58 -19.72 -5.56 18.13
CA SER B 58 -19.03 -4.44 18.77
C SER B 58 -17.63 -4.79 19.22
N SER B 59 -17.10 -5.96 18.84
CA SER B 59 -15.85 -6.42 19.47
C SER B 59 -14.70 -5.47 19.17
N PHE B 60 -14.59 -5.00 17.93
CA PHE B 60 -13.47 -4.11 17.60
C PHE B 60 -13.77 -2.67 17.90
N TYR B 61 -15.05 -2.30 17.96
CA TYR B 61 -15.43 -1.03 18.54
C TYR B 61 -14.93 -0.91 19.98
N ASN B 62 -15.13 -1.98 20.76
CA ASN B 62 -14.66 -1.99 22.15
C ASN B 62 -13.15 -2.02 22.22
N LYS B 63 -12.51 -2.75 21.30
CA LYS B 63 -11.05 -2.75 21.30
C LYS B 63 -10.50 -1.36 21.00
N ALA B 64 -11.12 -0.65 20.05
CA ALA B 64 -10.71 0.71 19.75
C ALA B 64 -10.85 1.60 20.99
N LYS B 65 -11.93 1.43 21.74
CA LYS B 65 -12.08 2.20 22.97
C LYS B 65 -11.00 1.81 24.00
N GLU B 66 -10.67 0.52 24.07
CA GLU B 66 -9.64 0.09 25.02
C GLU B 66 -8.29 0.69 24.66
N ILE B 67 -7.96 0.76 23.37
CA ILE B 67 -6.67 1.24 22.94
C ILE B 67 -6.59 2.76 23.09
N SER B 68 -7.62 3.47 22.65
CA SER B 68 -7.57 4.93 22.63
C SER B 68 -8.05 5.59 23.92
N GLY B 69 -8.84 4.88 24.74
CA GLY B 69 -9.52 5.49 25.87
C GLY B 69 -10.85 6.15 25.55
N LYS B 70 -11.24 6.22 24.27
CA LYS B 70 -12.48 6.88 23.85
C LYS B 70 -13.29 5.98 22.94
N ALA B 71 -14.62 6.04 23.08
CA ALA B 71 -15.39 5.24 22.14
C ALA B 71 -15.45 5.94 20.78
N PRO B 72 -15.31 5.18 19.67
CA PRO B 72 -15.47 5.76 18.34
C PRO B 72 -16.82 6.45 18.17
N ALA B 73 -16.81 7.53 17.39
CA ALA B 73 -18.05 8.22 17.06
C ALA B 73 -18.91 7.38 16.11
N VAL B 74 -18.29 6.67 15.18
CA VAL B 74 -19.02 5.89 14.17
C VAL B 74 -18.82 4.41 14.46
N TRP B 75 -19.94 3.68 14.53
CA TRP B 75 -19.99 2.26 14.78
C TRP B 75 -20.44 1.59 13.49
N GLY B 76 -19.70 0.60 13.03
CA GLY B 76 -20.04 -0.07 11.78
C GLY B 76 -20.06 -1.58 11.89
N THR B 77 -21.00 -2.19 11.17
CA THR B 77 -20.91 -3.63 10.91
C THR B 77 -21.55 -3.91 9.53
N ASP B 78 -21.87 -5.18 9.28
CA ASP B 78 -22.05 -5.69 7.92
C ASP B 78 -23.15 -6.76 7.98
N PHE B 79 -24.09 -6.70 7.03
CA PHE B 79 -25.17 -7.69 6.99
C PHE B 79 -24.73 -9.02 6.39
N TYR B 80 -23.46 -9.17 6.02
CA TYR B 80 -22.95 -10.39 5.38
C TYR B 80 -23.47 -11.67 6.03
N TRP B 81 -24.27 -12.43 5.26
CA TRP B 81 -24.81 -13.70 5.73
C TRP B 81 -23.82 -14.78 5.33
N ASN B 82 -22.80 -14.97 6.17
CA ASN B 82 -21.73 -15.93 5.92
C ASN B 82 -21.84 -17.19 6.78
N GLY B 83 -22.70 -17.20 7.79
CA GLY B 83 -22.90 -18.35 8.64
C GLY B 83 -24.28 -18.96 8.47
N LYS B 84 -24.58 -19.90 9.36
CA LYS B 84 -25.84 -20.63 9.27
C LYS B 84 -27.03 -19.68 9.39
N ASP B 85 -26.99 -18.79 10.36
CA ASP B 85 -28.16 -18.00 10.73
C ASP B 85 -28.10 -16.60 10.10
N ASN B 86 -29.28 -16.11 9.70
CA ASN B 86 -29.43 -14.73 9.27
C ASN B 86 -28.91 -13.80 10.36
N PRO B 87 -27.94 -12.94 10.07
CA PRO B 87 -27.36 -12.10 11.12
C PRO B 87 -28.17 -10.85 11.46
N GLY B 88 -29.30 -10.63 10.78
CA GLY B 88 -29.98 -9.35 10.89
C GLY B 88 -30.47 -9.04 12.30
N GLU B 89 -31.08 -10.02 12.98
CA GLU B 89 -31.59 -9.73 14.32
C GLU B 89 -30.48 -9.26 15.26
N ARG B 90 -29.34 -9.94 15.23
CA ARG B 90 -28.23 -9.58 16.09
C ARG B 90 -27.70 -8.18 15.76
N ILE B 91 -27.63 -7.85 14.48
CA ILE B 91 -27.13 -6.54 14.04
C ILE B 91 -28.05 -5.44 14.52
N VAL B 92 -29.35 -5.65 14.35
CA VAL B 92 -30.33 -4.63 14.68
C VAL B 92 -30.30 -4.34 16.18
N LYS B 93 -30.20 -5.40 16.99
CA LYS B 93 -30.21 -5.18 18.43
C LYS B 93 -28.99 -4.37 18.86
N GLU B 94 -27.83 -4.65 18.28
CA GLU B 94 -26.65 -3.90 18.68
C GLU B 94 -26.64 -2.49 18.07
N ALA B 95 -27.18 -2.33 16.86
CA ALA B 95 -27.27 -0.99 16.28
C ALA B 95 -28.18 -0.08 17.09
N ILE B 96 -29.33 -0.61 17.54
CA ILE B 96 -30.22 0.21 18.35
C ILE B 96 -29.54 0.61 19.66
N ASP B 97 -28.86 -0.33 20.32
CA ASP B 97 -28.16 0.02 21.54
C ASP B 97 -27.09 1.06 21.29
N LYS B 98 -26.31 0.90 20.20
CA LYS B 98 -25.24 1.86 19.92
C LYS B 98 -25.81 3.23 19.59
N TYR B 99 -26.92 3.28 18.84
CA TYR B 99 -27.59 4.55 18.58
C TYR B 99 -28.03 5.21 19.88
N HIS B 100 -28.60 4.44 20.79
CA HIS B 100 -29.04 5.04 22.06
C HIS B 100 -27.83 5.50 22.89
N GLU B 101 -26.68 4.88 22.69
CA GLU B 101 -25.47 5.27 23.41
C GLU B 101 -24.84 6.54 22.86
N GLY B 102 -25.30 7.03 21.71
CA GLY B 102 -24.78 8.23 21.10
C GLY B 102 -23.88 7.98 19.91
N ALA B 103 -23.70 6.74 19.48
CA ALA B 103 -22.86 6.52 18.31
C ALA B 103 -23.66 6.71 17.03
N ILE B 104 -22.95 6.99 15.96
CA ILE B 104 -23.52 7.11 14.63
C ILE B 104 -23.36 5.77 13.90
N VAL B 105 -24.44 5.26 13.31
CA VAL B 105 -24.45 3.88 12.81
C VAL B 105 -24.21 3.86 11.31
N THR B 106 -23.27 3.01 10.87
CA THR B 106 -23.11 2.72 9.46
C THR B 106 -23.22 1.21 9.25
N LEU B 107 -23.87 0.82 8.16
CA LEU B 107 -24.07 -0.59 7.83
C LEU B 107 -23.71 -0.83 6.36
N MET B 108 -23.05 -1.96 6.11
CA MET B 108 -22.70 -2.38 4.77
C MET B 108 -23.29 -3.75 4.55
N TRP B 109 -22.99 -4.35 3.38
CA TRP B 109 -23.68 -5.58 2.99
C TRP B 109 -22.87 -6.36 1.95
N HIS B 110 -21.82 -7.08 2.38
CA HIS B 110 -21.29 -8.12 1.51
C HIS B 110 -22.43 -9.11 1.26
N VAL B 111 -22.59 -9.51 0.02
CA VAL B 111 -23.73 -10.36 -0.34
C VAL B 111 -23.32 -11.17 -1.57
N GLY B 112 -23.84 -12.39 -1.65
CA GLY B 112 -23.60 -13.21 -2.81
C GLY B 112 -24.50 -12.82 -3.97
N GLN B 113 -24.48 -13.66 -5.00
CA GLN B 113 -25.21 -13.37 -6.21
C GLN B 113 -26.65 -13.85 -6.13
N PRO B 114 -27.53 -13.21 -6.91
CA PRO B 114 -28.92 -13.69 -7.00
C PRO B 114 -29.05 -15.17 -7.35
N LYS B 115 -28.10 -15.74 -8.11
CA LYS B 115 -28.23 -17.15 -8.48
C LYS B 115 -27.93 -18.11 -7.34
N HIS B 116 -27.50 -17.62 -6.17
CA HIS B 116 -27.09 -18.46 -5.04
C HIS B 116 -28.02 -18.22 -3.85
N ASP B 117 -27.91 -19.08 -2.84
CA ASP B 117 -28.64 -18.86 -1.59
C ASP B 117 -27.66 -18.63 -0.46
N PRO B 118 -28.05 -17.90 0.58
CA PRO B 118 -27.17 -17.76 1.76
C PRO B 118 -27.07 -19.08 2.50
N PRO B 119 -25.98 -19.31 3.25
CA PRO B 119 -24.81 -18.45 3.45
C PRO B 119 -23.98 -18.37 2.19
N PHE B 120 -23.52 -17.17 1.89
CA PHE B 120 -22.86 -16.88 0.62
C PHE B 120 -21.36 -17.12 0.71
N SER B 121 -20.87 -18.03 -0.14
CA SER B 121 -19.44 -18.31 -0.19
C SER B 121 -18.66 -17.07 -0.58
N TRP B 122 -17.55 -16.83 0.11
CA TRP B 122 -16.71 -15.69 -0.25
C TRP B 122 -16.11 -15.86 -1.64
N ARG B 123 -15.43 -16.98 -1.87
CA ARG B 123 -14.72 -17.15 -3.13
C ARG B 123 -15.69 -17.43 -4.28
N GLU B 124 -16.77 -18.17 -4.02
CA GLU B 124 -17.60 -18.62 -5.13
C GLU B 124 -18.80 -17.70 -5.40
N SER B 125 -19.14 -16.82 -4.47
CA SER B 125 -20.32 -15.99 -4.66
C SER B 125 -20.00 -14.50 -4.55
N VAL B 126 -19.58 -14.05 -3.37
CA VAL B 126 -19.26 -12.63 -3.19
C VAL B 126 -18.19 -12.20 -4.17
N GLN B 127 -17.14 -13.01 -4.34
CA GLN B 127 -16.11 -12.73 -5.32
C GLN B 127 -16.15 -13.71 -6.50
N GLY B 128 -17.30 -14.36 -6.73
CA GLY B 128 -17.44 -15.30 -7.83
C GLY B 128 -17.70 -14.61 -9.16
N GLU B 129 -17.49 -15.36 -10.24
CA GLU B 129 -17.71 -14.79 -11.56
C GLU B 129 -19.22 -14.67 -11.81
N ILE B 130 -19.60 -13.68 -12.61
CA ILE B 130 -20.99 -13.51 -13.00
C ILE B 130 -21.06 -13.30 -14.50
N SER B 131 -22.00 -13.97 -15.15
CA SER B 131 -22.09 -13.87 -16.60
C SER B 131 -22.89 -12.64 -17.01
N LYS B 132 -22.77 -12.24 -18.29
CA LYS B 132 -23.57 -11.13 -18.79
C LYS B 132 -25.07 -11.42 -18.67
N LYS B 133 -25.48 -12.66 -18.93
CA LYS B 133 -26.91 -12.97 -18.82
C LYS B 133 -27.37 -12.88 -17.38
N GLU B 134 -26.55 -13.37 -16.45
CA GLU B 134 -26.93 -13.31 -15.04
C GLU B 134 -27.03 -11.88 -14.55
N TRP B 135 -26.10 -11.03 -14.97
CA TRP B 135 -26.17 -9.62 -14.59
C TRP B 135 -27.41 -8.95 -15.19
N ASP B 136 -27.61 -9.12 -16.48
CA ASP B 136 -28.70 -8.44 -17.17
C ASP B 136 -30.05 -8.89 -16.64
N ASP B 137 -30.21 -10.20 -16.39
CA ASP B 137 -31.49 -10.72 -15.94
C ASP B 137 -31.83 -10.17 -14.56
N MET B 138 -30.80 -9.99 -13.71
CA MET B 138 -31.05 -9.47 -12.37
C MET B 138 -31.61 -8.06 -12.43
N LEU B 139 -31.35 -7.33 -13.51
CA LEU B 139 -31.82 -5.96 -13.70
C LEU B 139 -33.02 -5.88 -14.64
N THR B 140 -33.69 -7.02 -14.88
CA THR B 140 -34.82 -7.09 -15.80
C THR B 140 -36.05 -7.55 -15.01
N PRO B 141 -36.96 -6.64 -14.64
CA PRO B 141 -38.17 -7.05 -13.92
C PRO B 141 -38.86 -8.19 -14.64
N GLY B 142 -39.31 -9.17 -13.86
CA GLY B 142 -40.00 -10.32 -14.39
C GLY B 142 -39.18 -11.60 -14.49
N THR B 143 -37.86 -11.51 -14.49
CA THR B 143 -37.05 -12.71 -14.61
C THR B 143 -36.91 -13.42 -13.26
N GLU B 144 -36.47 -14.68 -13.32
CA GLU B 144 -36.21 -15.43 -12.10
C GLU B 144 -35.12 -14.78 -11.27
N LEU B 145 -34.05 -14.30 -11.90
CA LEU B 145 -32.96 -13.70 -11.13
C LEU B 145 -33.35 -12.36 -10.55
N PHE B 146 -34.22 -11.60 -11.22
CA PHE B 146 -34.72 -10.37 -10.60
C PHE B 146 -35.55 -10.71 -9.37
N GLN B 147 -36.46 -11.69 -9.49
CA GLN B 147 -37.25 -12.09 -8.34
C GLN B 147 -36.35 -12.57 -7.19
N ARG B 148 -35.35 -13.39 -7.49
CA ARG B 148 -34.44 -13.84 -6.45
C ARG B 148 -33.66 -12.67 -5.84
N TRP B 149 -33.27 -11.69 -6.66
CA TRP B 149 -32.60 -10.51 -6.12
C TRP B 149 -33.54 -9.75 -5.16
N THR B 150 -34.81 -9.60 -5.52
CA THR B 150 -35.71 -8.90 -4.60
C THR B 150 -35.81 -9.65 -3.28
N GLN B 151 -35.77 -10.98 -3.30
CA GLN B 151 -35.89 -11.74 -2.07
C GLN B 151 -34.65 -11.57 -1.20
N GLN B 152 -33.48 -11.51 -1.83
CA GLN B 152 -32.26 -11.26 -1.07
C GLN B 152 -32.24 -9.85 -0.50
N VAL B 153 -32.79 -8.90 -1.25
CA VAL B 153 -32.87 -7.49 -0.75
C VAL B 153 -33.84 -7.45 0.43
N ASP B 154 -34.94 -8.21 0.35
CA ASP B 154 -35.98 -8.25 1.41
C ASP B 154 -35.44 -8.88 2.70
N GLN B 155 -34.45 -9.76 2.61
CA GLN B 155 -33.81 -10.40 3.79
C GLN B 155 -33.07 -9.36 4.64
N VAL B 156 -32.57 -8.28 4.02
CA VAL B 156 -31.88 -7.18 4.76
C VAL B 156 -32.88 -6.06 5.03
N ALA B 157 -33.79 -5.80 4.08
CA ALA B 157 -34.79 -4.72 4.17
C ALA B 157 -35.68 -4.85 5.42
N VAL B 158 -36.02 -6.09 5.81
CA VAL B 158 -36.88 -6.30 7.02
C VAL B 158 -36.15 -5.81 8.29
N HIS B 159 -34.82 -5.96 8.33
CA HIS B 159 -34.02 -5.51 9.50
C HIS B 159 -33.82 -3.99 9.43
N LEU B 160 -33.72 -3.43 8.22
CA LEU B 160 -33.58 -1.96 8.06
C LEU B 160 -34.90 -1.30 8.50
N LYS B 161 -36.03 -1.96 8.21
CA LYS B 161 -37.36 -1.44 8.62
C LYS B 161 -37.45 -1.45 10.14
N LYS B 162 -36.89 -2.48 10.78
CA LYS B 162 -36.90 -2.56 12.27
C LYS B 162 -36.10 -1.38 12.81
N LEU B 163 -34.98 -1.04 12.18
CA LEU B 163 -34.18 0.11 12.61
C LEU B 163 -34.92 1.42 12.39
N GLN B 164 -35.70 1.50 11.30
CA GLN B 164 -36.53 2.67 11.07
C GLN B 164 -37.57 2.86 12.17
N GLU B 165 -38.24 1.77 12.58
CA GLU B 165 -39.21 1.86 13.66
C GLU B 165 -38.57 2.32 14.95
N ALA B 166 -37.30 1.98 15.17
CA ALA B 166 -36.54 2.45 16.32
C ALA B 166 -35.95 3.84 16.11
N LYS B 167 -36.23 4.47 14.97
CA LYS B 167 -35.77 5.82 14.63
C LYS B 167 -34.25 5.94 14.56
N VAL B 168 -33.59 4.91 14.07
CA VAL B 168 -32.13 4.92 13.88
C VAL B 168 -31.85 5.36 12.45
N PRO B 169 -31.17 6.49 12.23
CA PRO B 169 -30.66 6.82 10.88
C PRO B 169 -29.41 6.02 10.58
N ILE B 170 -29.26 5.63 9.32
CA ILE B 170 -28.22 4.66 8.91
C ILE B 170 -27.37 5.26 7.79
N LEU B 171 -26.04 5.31 8.01
CA LEU B 171 -25.13 5.53 6.90
C LEU B 171 -25.03 4.21 6.13
N TRP B 172 -25.80 4.10 5.05
CA TRP B 172 -26.02 2.84 4.35
C TRP B 172 -25.10 2.77 3.14
N ARG B 173 -24.21 1.77 3.11
CA ARG B 173 -23.17 1.69 2.09
C ARG B 173 -23.26 0.37 1.32
N PRO B 174 -24.26 0.23 0.45
CA PRO B 174 -24.40 -1.01 -0.34
C PRO B 174 -23.46 -1.10 -1.53
N TYR B 175 -23.16 -2.35 -1.92
CA TYR B 175 -22.41 -2.66 -3.16
C TYR B 175 -21.12 -1.84 -3.24
N HIS B 176 -20.36 -1.87 -2.16
CA HIS B 176 -19.16 -1.03 -1.98
C HIS B 176 -18.01 -1.50 -2.87
N GLU B 177 -17.03 -0.62 -3.07
CA GLU B 177 -15.84 -0.93 -3.87
C GLU B 177 -16.24 -1.38 -5.28
N MET B 178 -17.25 -0.71 -5.83
CA MET B 178 -17.84 -1.15 -7.08
C MET B 178 -16.97 -0.83 -8.28
N ASN B 179 -15.94 0.01 -8.12
CA ASN B 179 -15.00 0.25 -9.20
C ASN B 179 -13.89 -0.79 -9.23
N GLY B 180 -13.83 -1.66 -8.24
CA GLY B 180 -12.85 -2.72 -8.23
C GLY B 180 -13.32 -3.93 -9.03
N VAL B 181 -12.38 -4.82 -9.33
CA VAL B 181 -12.70 -6.00 -10.14
C VAL B 181 -13.05 -7.23 -9.32
N TRP B 182 -13.03 -7.14 -7.98
CA TRP B 182 -13.03 -8.36 -7.19
C TRP B 182 -14.42 -8.84 -6.80
N PHE B 183 -15.38 -7.95 -6.57
CA PHE B 183 -16.73 -8.39 -6.22
C PHE B 183 -17.55 -8.62 -7.49
N TRP B 184 -18.61 -9.44 -7.34
CA TRP B 184 -19.40 -9.75 -8.52
C TRP B 184 -20.07 -8.51 -9.08
N TRP B 185 -20.37 -7.51 -8.25
CA TRP B 185 -20.99 -6.26 -8.72
C TRP B 185 -19.95 -5.25 -9.20
N GLY B 186 -18.71 -5.65 -9.23
CA GLY B 186 -17.63 -4.71 -9.50
C GLY B 186 -17.33 -4.61 -10.99
N ASN B 187 -16.73 -3.47 -11.35
CA ASN B 187 -16.33 -3.17 -12.73
C ASN B 187 -17.44 -3.45 -13.74
N LYS B 188 -18.65 -2.98 -13.44
CA LYS B 188 -19.79 -3.04 -14.37
C LYS B 188 -20.02 -1.63 -14.91
N LYS B 189 -19.38 -1.30 -16.02
CA LYS B 189 -19.48 0.05 -16.55
C LYS B 189 -20.75 0.20 -17.41
N GLY B 190 -21.11 1.45 -17.68
CA GLY B 190 -22.17 1.76 -18.63
C GLY B 190 -23.55 1.87 -18.00
N LYS B 191 -24.48 2.34 -18.85
CA LYS B 191 -25.82 2.65 -18.37
C LYS B 191 -26.57 1.40 -17.91
N ASP B 192 -26.23 0.24 -18.45
CA ASP B 192 -26.81 -1.02 -17.99
C ASP B 192 -25.93 -1.72 -16.98
N GLY B 193 -24.88 -1.05 -16.49
CA GLY B 193 -24.04 -1.65 -15.48
C GLY B 193 -24.37 -1.25 -14.06
N PHE B 194 -23.34 -0.91 -13.29
CA PHE B 194 -23.53 -0.70 -11.85
C PHE B 194 -24.62 0.33 -11.55
N VAL B 195 -24.66 1.44 -12.30
CA VAL B 195 -25.59 2.51 -11.93
C VAL B 195 -27.04 2.02 -12.02
N LYS B 196 -27.30 1.02 -12.87
CA LYS B 196 -28.66 0.50 -12.94
C LYS B 196 -28.99 -0.37 -11.74
N LEU B 197 -28.02 -1.14 -11.23
CA LEU B 197 -28.21 -1.86 -9.97
C LEU B 197 -28.45 -0.89 -8.82
N TRP B 198 -27.64 0.18 -8.75
CA TRP B 198 -27.81 1.15 -7.67
C TRP B 198 -29.22 1.72 -7.66
N LYS B 199 -29.71 2.14 -8.82
CA LYS B 199 -31.04 2.74 -8.88
C LYS B 199 -32.12 1.70 -8.58
N GLN B 200 -31.90 0.45 -8.97
CA GLN B 200 -32.88 -0.59 -8.69
C GLN B 200 -32.99 -0.84 -7.19
N LEU B 201 -31.84 -0.90 -6.50
CA LEU B 201 -31.86 -1.06 -5.05
C LEU B 201 -32.49 0.15 -4.38
N TYR B 202 -32.15 1.35 -4.86
CA TYR B 202 -32.74 2.57 -4.32
C TYR B 202 -34.25 2.53 -4.43
N ASP B 203 -34.75 2.16 -5.62
CA ASP B 203 -36.19 2.09 -5.81
C ASP B 203 -36.83 1.10 -4.83
N ARG B 204 -36.25 -0.08 -4.67
CA ARG B 204 -36.89 -1.08 -3.80
C ARG B 204 -36.83 -0.68 -2.33
N LEU B 205 -35.70 -0.13 -1.88
CA LEU B 205 -35.62 0.24 -0.47
C LEU B 205 -36.44 1.49 -0.15
N VAL B 206 -36.36 2.52 -0.99
CA VAL B 206 -37.01 3.79 -0.65
C VAL B 206 -38.50 3.76 -0.96
N ASN B 207 -38.88 3.21 -2.12
CA ASN B 207 -40.26 3.30 -2.55
C ASN B 207 -41.08 2.10 -2.12
N HIS B 208 -40.54 0.90 -2.29
CA HIS B 208 -41.34 -0.26 -1.89
C HIS B 208 -41.34 -0.44 -0.38
N HIS B 209 -40.17 -0.31 0.26
CA HIS B 209 -40.08 -0.51 1.71
C HIS B 209 -40.21 0.77 2.51
N ARG B 210 -40.25 1.95 1.86
CA ARG B 210 -40.38 3.24 2.57
C ARG B 210 -39.30 3.41 3.62
N LEU B 211 -38.08 3.02 3.27
CA LEU B 211 -36.96 3.19 4.18
C LEU B 211 -36.44 4.61 4.04
N ASN B 212 -36.93 5.49 4.89
CA ASN B 212 -36.57 6.89 4.85
C ASN B 212 -35.48 7.21 5.85
N ASN B 213 -35.01 6.21 6.60
CA ASN B 213 -33.97 6.40 7.59
C ASN B 213 -32.58 6.11 7.03
N LEU B 214 -32.45 5.88 5.72
CA LEU B 214 -31.17 5.56 5.12
C LEU B 214 -30.53 6.81 4.53
N ILE B 215 -29.26 7.01 4.83
CA ILE B 215 -28.42 7.99 4.15
C ILE B 215 -27.61 7.18 3.15
N TRP B 216 -27.69 7.55 1.88
CA TRP B 216 -27.16 6.73 0.82
C TRP B 216 -25.69 7.08 0.59
N VAL B 217 -24.81 6.15 0.97
CA VAL B 217 -23.37 6.37 0.90
C VAL B 217 -22.87 5.52 -0.25
N TRP B 218 -22.37 6.18 -1.29
CA TRP B 218 -21.77 5.52 -2.45
C TRP B 218 -20.29 5.36 -2.16
N ASN B 219 -19.85 4.12 -1.92
CA ASN B 219 -18.54 3.85 -1.31
C ASN B 219 -17.69 3.10 -2.32
N ALA B 220 -16.71 3.80 -2.93
CA ALA B 220 -15.84 3.21 -3.91
C ALA B 220 -14.56 2.71 -3.26
N ASN B 221 -13.64 2.23 -4.10
CA ASN B 221 -12.28 1.92 -3.69
C ASN B 221 -11.33 2.96 -4.27
N GLY B 222 -10.27 3.27 -3.52
CA GLY B 222 -9.17 4.03 -4.11
C GLY B 222 -8.73 3.36 -5.41
N PRO B 223 -8.57 4.14 -6.48
CA PRO B 223 -8.26 3.53 -7.78
C PRO B 223 -6.84 2.97 -7.80
N ARG B 224 -6.64 1.94 -8.61
CA ARG B 224 -5.30 1.40 -8.79
C ARG B 224 -5.24 0.57 -10.05
N ASP B 225 -4.05 0.45 -10.62
CA ASP B 225 -3.86 -0.36 -11.82
C ASP B 225 -2.84 -1.46 -11.51
N ILE B 226 -3.20 -2.36 -10.62
CA ILE B 226 -2.38 -3.52 -10.27
C ILE B 226 -2.95 -4.74 -10.99
N PRO B 227 -2.14 -5.50 -11.72
CA PRO B 227 -2.67 -6.68 -12.44
C PRO B 227 -3.48 -7.59 -11.52
N GLY B 228 -4.65 -8.01 -12.01
CA GLY B 228 -5.55 -8.84 -11.25
C GLY B 228 -6.25 -8.16 -10.09
N ASP B 229 -6.04 -6.86 -9.88
CA ASP B 229 -6.55 -6.24 -8.67
C ASP B 229 -6.86 -4.76 -8.93
N GLN B 230 -7.34 -4.45 -10.13
CA GLN B 230 -7.56 -3.07 -10.52
C GLN B 230 -8.81 -2.50 -9.90
N ALA B 231 -8.81 -1.17 -9.75
CA ALA B 231 -9.99 -0.40 -9.41
C ALA B 231 -9.99 0.84 -10.29
N TYR B 232 -11.09 1.07 -10.99
CA TYR B 232 -11.12 2.06 -12.07
C TYR B 232 -11.63 3.40 -11.56
N ASP B 233 -11.74 4.37 -12.48
CA ASP B 233 -12.07 5.75 -12.13
C ASP B 233 -13.43 5.84 -11.44
N TYR B 234 -13.52 6.71 -10.44
CA TYR B 234 -14.76 6.88 -9.69
C TYR B 234 -15.95 7.17 -10.60
N LYS B 235 -15.80 8.13 -11.52
CA LYS B 235 -16.96 8.67 -12.21
C LYS B 235 -17.65 7.64 -13.09
N ASP B 236 -16.94 6.58 -13.50
CA ASP B 236 -17.52 5.55 -14.36
C ASP B 236 -18.56 4.71 -13.66
N PHE B 237 -18.75 4.87 -12.35
CA PHE B 237 -19.70 4.06 -11.59
C PHE B 237 -20.64 4.91 -10.76
N TYR B 238 -20.72 6.21 -11.02
CA TYR B 238 -21.48 7.11 -10.15
C TYR B 238 -22.89 7.25 -10.72
N PRO B 239 -23.93 6.92 -9.97
CA PRO B 239 -25.29 6.92 -10.52
C PRO B 239 -25.96 8.29 -10.57
N GLY B 240 -25.30 9.36 -10.14
CA GLY B 240 -25.91 10.68 -10.22
C GLY B 240 -26.26 11.22 -8.83
N HIS B 241 -26.28 12.56 -8.73
CA HIS B 241 -26.46 13.21 -7.44
C HIS B 241 -27.84 12.99 -6.83
N LYS B 242 -28.86 12.67 -7.64
CA LYS B 242 -30.20 12.41 -7.11
C LYS B 242 -30.28 11.11 -6.29
N TYR B 243 -29.28 10.23 -6.39
CA TYR B 243 -29.30 8.91 -5.76
C TYR B 243 -28.22 8.71 -4.69
N VAL B 244 -27.48 9.76 -4.33
CA VAL B 244 -26.34 9.63 -3.42
C VAL B 244 -26.37 10.79 -2.44
N ASP B 245 -26.22 10.50 -1.15
CA ASP B 245 -26.09 11.55 -0.14
C ASP B 245 -24.63 11.86 0.13
N ILE B 246 -23.80 10.83 0.21
CA ILE B 246 -22.41 10.96 0.61
C ILE B 246 -21.57 10.06 -0.29
N LEU B 247 -20.38 10.52 -0.67
CA LEU B 247 -19.44 9.68 -1.40
C LEU B 247 -18.30 9.26 -0.48
N ALA B 248 -17.88 8.01 -0.58
CA ALA B 248 -16.83 7.54 0.30
C ALA B 248 -15.89 6.67 -0.49
N THR B 249 -14.68 6.48 0.06
CA THR B 249 -13.74 5.59 -0.60
C THR B 249 -12.97 4.84 0.47
N ASP B 250 -12.41 3.70 0.07
CA ASP B 250 -11.68 2.82 0.96
C ASP B 250 -10.19 2.97 0.67
N VAL B 251 -9.42 3.23 1.71
CA VAL B 251 -7.98 3.53 1.58
C VAL B 251 -7.21 2.67 2.57
N TYR B 252 -6.50 1.67 2.06
CA TYR B 252 -5.66 0.84 2.89
C TYR B 252 -4.20 1.22 2.67
N HIS B 253 -3.35 0.67 3.53
CA HIS B 253 -1.88 0.86 3.48
C HIS B 253 -1.47 2.32 3.62
N GLY B 254 -2.30 3.15 4.24
CA GLY B 254 -1.98 4.56 4.41
C GLY B 254 -1.87 5.35 3.13
N ASP B 255 -2.45 4.85 2.03
CA ASP B 255 -2.25 5.42 0.69
C ASP B 255 -3.21 6.60 0.44
N TYR B 256 -3.10 7.63 1.29
CA TYR B 256 -3.97 8.80 1.22
C TYR B 256 -3.44 9.78 0.17
N GLU B 257 -3.55 9.37 -1.09
CA GLU B 257 -3.06 10.19 -2.22
C GLU B 257 -3.87 11.46 -2.36
N GLN B 258 -3.17 12.59 -2.50
CA GLN B 258 -3.87 13.86 -2.68
C GLN B 258 -4.65 13.88 -3.99
N LYS B 259 -4.09 13.30 -5.06
CA LYS B 259 -4.79 13.27 -6.34
C LYS B 259 -6.09 12.49 -6.25
N ASP B 260 -6.08 11.36 -5.54
CA ASP B 260 -7.32 10.59 -5.32
C ASP B 260 -8.36 11.40 -4.56
N TYR B 261 -7.94 12.08 -3.49
CA TYR B 261 -8.81 13.01 -2.79
C TYR B 261 -9.40 14.04 -3.73
N ASP B 262 -8.55 14.68 -4.55
CA ASP B 262 -9.07 15.70 -5.47
C ASP B 262 -10.11 15.12 -6.43
N GLN B 263 -9.89 13.88 -6.88
CA GLN B 263 -10.82 13.26 -7.84
C GLN B 263 -12.20 13.03 -7.21
N LEU B 264 -12.23 12.61 -5.94
CA LEU B 264 -13.51 12.35 -5.30
C LEU B 264 -14.21 13.67 -4.96
N VAL B 265 -13.44 14.66 -4.53
CA VAL B 265 -14.01 15.98 -4.23
C VAL B 265 -14.64 16.56 -5.48
N LYS B 266 -13.98 16.43 -6.63
CA LYS B 266 -14.55 16.94 -7.86
C LYS B 266 -15.87 16.25 -8.19
N LEU B 267 -15.91 14.93 -8.05
CA LEU B 267 -17.13 14.20 -8.39
C LEU B 267 -18.24 14.56 -7.42
N ALA B 268 -17.90 14.76 -6.14
CA ALA B 268 -18.93 14.96 -5.12
C ALA B 268 -19.67 16.27 -5.31
N LYS B 269 -19.00 17.28 -5.89
CA LYS B 269 -19.61 18.58 -6.17
C LYS B 269 -20.42 19.09 -4.97
N GLY B 270 -19.76 19.17 -3.82
CA GLY B 270 -20.38 19.72 -2.63
C GLY B 270 -21.03 18.72 -1.71
N LYS B 271 -21.29 17.48 -2.15
CA LYS B 271 -21.77 16.49 -1.22
C LYS B 271 -20.64 16.10 -0.27
N PRO B 272 -20.95 15.67 0.95
CA PRO B 272 -19.88 15.24 1.86
C PRO B 272 -19.16 14.02 1.30
N ILE B 273 -17.88 13.90 1.68
CA ILE B 273 -17.10 12.71 1.39
C ILE B 273 -16.60 12.09 2.68
N ALA B 274 -16.19 10.82 2.56
CA ALA B 274 -15.76 10.08 3.74
C ALA B 274 -14.80 8.97 3.37
N LEU B 275 -14.03 8.52 4.38
CA LEU B 275 -13.19 7.34 4.27
C LEU B 275 -14.00 6.15 4.77
N GLY B 276 -14.60 5.41 3.84
CA GLY B 276 -15.53 4.36 4.22
C GLY B 276 -14.87 3.19 4.93
N GLU B 277 -13.65 2.84 4.52
CA GLU B 277 -12.83 1.86 5.22
C GLU B 277 -11.39 2.33 5.16
N VAL B 278 -10.67 2.14 6.26
CA VAL B 278 -9.23 2.38 6.27
C VAL B 278 -8.56 1.27 7.06
N GLY B 279 -7.27 1.10 6.83
CA GLY B 279 -6.47 0.22 7.67
C GLY B 279 -5.58 1.09 8.53
N GLN B 280 -4.41 1.46 8.00
CA GLN B 280 -3.62 2.49 8.66
C GLN B 280 -4.43 3.77 8.78
N LEU B 281 -4.48 4.34 9.99
CA LEU B 281 -5.21 5.57 10.24
C LEU B 281 -4.61 6.74 9.46
N PRO B 282 -5.42 7.75 9.15
CA PRO B 282 -4.88 8.99 8.57
C PRO B 282 -4.16 9.81 9.62
N ARG B 283 -2.90 10.12 9.35
CA ARG B 283 -2.11 10.91 10.30
C ARG B 283 -2.59 12.35 10.34
N PRO B 284 -2.25 13.08 11.41
CA PRO B 284 -2.60 14.52 11.47
C PRO B 284 -2.25 15.30 10.22
N LEU B 285 -1.07 15.08 9.61
CA LEU B 285 -0.73 15.85 8.42
C LEU B 285 -1.71 15.58 7.27
N VAL B 286 -2.15 14.33 7.14
CA VAL B 286 -3.15 13.96 6.14
C VAL B 286 -4.46 14.68 6.42
N LEU B 287 -4.90 14.66 7.68
CA LEU B 287 -6.17 15.30 8.00
C LEU B 287 -6.12 16.80 7.73
N GLU B 288 -4.96 17.43 7.95
CA GLU B 288 -4.85 18.85 7.65
C GLU B 288 -4.88 19.10 6.15
N ALA B 289 -4.26 18.22 5.35
CA ALA B 289 -4.19 18.41 3.90
C ALA B 289 -5.47 18.00 3.19
N GLN B 290 -6.26 17.17 3.84
CA GLN B 290 -7.48 16.59 3.26
C GLN B 290 -8.65 16.79 4.23
N PRO B 291 -9.03 18.04 4.48
CA PRO B 291 -10.00 18.31 5.55
C PRO B 291 -11.40 17.88 5.22
N LYS B 292 -11.71 17.59 3.97
CA LYS B 292 -13.09 17.29 3.62
C LYS B 292 -13.55 15.90 4.03
N TRP B 293 -12.64 14.98 4.39
CA TRP B 293 -13.10 13.67 4.88
C TRP B 293 -13.98 13.86 6.12
N SER B 294 -15.16 13.26 6.11
CA SER B 294 -16.11 13.46 7.21
C SER B 294 -16.01 12.39 8.30
N TRP B 295 -15.61 11.18 7.96
CA TRP B 295 -15.34 10.15 8.96
C TRP B 295 -14.34 9.18 8.37
N PHE B 296 -13.75 8.37 9.23
CA PHE B 296 -12.98 7.21 8.79
C PHE B 296 -13.52 6.01 9.53
N MET B 297 -13.35 4.82 8.96
CA MET B 297 -13.79 3.60 9.66
C MET B 297 -12.71 2.54 9.53
N VAL B 298 -12.02 2.25 10.64
CA VAL B 298 -10.98 1.23 10.64
C VAL B 298 -11.62 -0.14 10.52
N TRP B 299 -10.99 -1.02 9.72
CA TRP B 299 -11.54 -2.35 9.47
C TRP B 299 -11.13 -3.29 10.60
N SER B 300 -12.07 -3.60 11.50
CA SER B 300 -11.87 -4.60 12.54
C SER B 300 -10.47 -4.59 13.17
N ASN B 301 -9.72 -5.70 13.09
CA ASN B 301 -8.49 -5.76 13.87
C ASN B 301 -7.34 -5.01 13.22
N TRP B 302 -7.56 -4.32 12.10
CA TRP B 302 -6.52 -3.40 11.62
C TRP B 302 -6.24 -2.30 12.65
N ILE B 303 -7.16 -2.08 13.61
CA ILE B 303 -6.92 -1.10 14.67
C ILE B 303 -5.67 -1.48 15.48
N GLU B 304 -5.34 -2.77 15.50
CA GLU B 304 -4.16 -3.28 16.19
C GLU B 304 -3.04 -3.68 15.24
N THR B 305 -3.37 -4.32 14.11
CA THR B 305 -2.31 -4.84 13.24
C THR B 305 -1.73 -3.80 12.29
N ALA B 306 -2.45 -2.72 11.99
CA ALA B 306 -1.99 -1.71 11.06
C ALA B 306 -1.73 -0.36 11.72
N ASN B 307 -1.82 -0.29 13.04
CA ASN B 307 -1.66 0.95 13.79
C ASN B 307 -1.03 0.63 15.12
N SER B 308 0.05 1.35 15.48
CA SER B 308 0.56 1.25 16.82
C SER B 308 -0.43 1.89 17.80
N PRO B 309 -0.40 1.48 19.08
CA PRO B 309 -1.25 2.17 20.07
C PRO B 309 -0.98 3.67 20.11
N GLU B 310 0.29 4.04 19.94
CA GLU B 310 0.67 5.44 19.88
C GLU B 310 0.00 6.17 18.72
N ARG B 311 -0.07 5.53 17.54
CA ARG B 311 -0.72 6.14 16.39
C ARG B 311 -2.22 6.29 16.63
N VAL B 312 -2.84 5.28 17.23
CA VAL B 312 -4.27 5.35 17.53
C VAL B 312 -4.55 6.53 18.45
N LYS B 313 -3.77 6.64 19.52
CA LYS B 313 -3.97 7.73 20.47
C LYS B 313 -3.67 9.09 19.84
N GLU B 314 -2.66 9.14 18.97
CA GLU B 314 -2.36 10.38 18.26
C GLU B 314 -3.56 10.85 17.43
N VAL B 315 -4.19 9.93 16.68
CA VAL B 315 -5.27 10.29 15.78
C VAL B 315 -6.56 10.56 16.55
N TYR B 316 -6.91 9.67 17.47
CA TYR B 316 -8.11 9.88 18.28
C TYR B 316 -8.02 11.15 19.12
N GLY B 317 -6.81 11.51 19.56
CA GLY B 317 -6.63 12.70 20.38
C GLY B 317 -6.39 13.99 19.62
N TYR B 318 -6.25 13.90 18.29
CA TYR B 318 -5.97 15.06 17.45
C TYR B 318 -7.13 16.05 17.49
N ASP B 319 -6.81 17.35 17.41
CA ASP B 319 -7.85 18.36 17.58
C ASP B 319 -8.94 18.30 16.49
N LYS B 320 -8.63 17.75 15.31
CA LYS B 320 -9.65 17.67 14.27
C LYS B 320 -10.48 16.40 14.34
N THR B 321 -10.15 15.45 15.22
CA THR B 321 -10.91 14.19 15.32
C THR B 321 -12.03 14.29 16.35
N ILE B 322 -13.18 13.70 16.04
CA ILE B 322 -14.34 13.68 16.93
C ILE B 322 -14.57 12.24 17.35
N THR B 323 -14.58 11.99 18.67
CA THR B 323 -14.99 10.71 19.22
C THR B 323 -16.43 10.83 19.75
N LYS B 324 -16.99 9.70 20.22
CA LYS B 324 -18.42 9.67 20.53
C LYS B 324 -18.81 10.74 21.54
N ASP B 325 -18.04 10.84 22.63
CA ASP B 325 -18.32 11.80 23.71
C ASP B 325 -18.16 13.24 23.25
N GLU B 326 -17.63 13.46 22.07
CA GLU B 326 -17.38 14.77 21.52
C GLU B 326 -18.39 15.19 20.46
N ILE B 327 -19.36 14.31 20.13
CA ILE B 327 -20.37 14.68 19.15
C ILE B 327 -21.30 15.72 19.76
N GLN B 328 -21.47 16.84 19.06
CA GLN B 328 -22.38 17.90 19.49
C GLN B 328 -23.13 18.36 18.25
N PHE B 329 -24.41 17.99 18.15
CA PHE B 329 -25.25 18.42 17.03
C PHE B 329 -25.52 19.93 17.05
#